data_5J5S
#
_entry.id   5J5S
#
_cell.length_a   42.210
_cell.length_b   63.551
_cell.length_c   73.664
_cell.angle_alpha   100.60
_cell.angle_beta   90.61
_cell.angle_gamma   90.96
#
_symmetry.space_group_name_H-M   'P 1'
#
loop_
_entity.id
_entity.type
_entity.pdbx_description
1 polymer 'Proto-oncogene tyrosine-protein kinase Src'
2 non-polymer "N-{4-[8-amino-3-(propan-2-yl)imidazo[1,5-a]pyrazin-1-yl]naphthalen-1-yl}-N'-[3-(trifluoromethyl)phenyl]urea"
3 water water
#
_entity_poly.entity_id   1
_entity_poly.type   'polypeptide(L)'
_entity_poly.pdbx_seq_one_letter_code
;GHMQTQGLAKDAWEIPRESLRLEVKLGQGCFGEVWMGTWNGTTRVAIKTLKPGTMSPEAFLQEAQVMKKLRHEKLVQLYA
VVSEEPIYIVTEYMSKGSLLDFLKGEMGKYLRLPQLVDMAAQIASGMAYVERMNYVHRDLRAANILVGENLVCKVADFGL
ARLIEDNEYTARQGAKFPIKWTAPEAALYGRFTIKSDVWSFGILLTELTTKGRVPYPGMVNREVLDQVERGYRMPCPPEC
PESLHDLMCQCWRKDPEERPTFEYLQAFLEDYFTSTEPQYQPGENL
;
_entity_poly.pdbx_strand_id   A,B
#
loop_
_chem_comp.id
_chem_comp.type
_chem_comp.name
_chem_comp.formula
6G3 non-polymer N-{4-[8-amino-3-(propan-2-yl)imidazo[1,5-a]pyrazin-1-yl]naphthalen-1-yl}-N'-[3-(trifluoromethyl)phenyl]urea 'C27 H23 F3 N6 O'
#
# COMPACT_ATOMS: atom_id res chain seq x y z
N ASP A 11 -34.94 -15.65 -22.35
CA ASP A 11 -34.67 -15.91 -20.94
C ASP A 11 -35.22 -14.78 -20.08
N ALA A 12 -35.73 -15.12 -18.89
CA ALA A 12 -36.39 -14.13 -18.03
C ALA A 12 -35.45 -13.20 -17.27
N TRP A 13 -34.14 -13.41 -17.40
CA TRP A 13 -33.16 -12.53 -16.80
C TRP A 13 -32.85 -11.35 -17.72
N GLU A 14 -33.29 -11.47 -18.96
CA GLU A 14 -33.01 -10.46 -19.96
C GLU A 14 -33.83 -9.19 -19.71
N ILE A 15 -33.19 -8.03 -19.78
CA ILE A 15 -33.91 -6.77 -19.68
C ILE A 15 -33.57 -5.87 -20.88
N PRO A 16 -34.41 -4.85 -21.13
CA PRO A 16 -34.06 -3.96 -22.25
C PRO A 16 -32.95 -2.98 -21.88
N ARG A 17 -32.18 -2.58 -22.89
CA ARG A 17 -31.03 -1.71 -22.68
C ARG A 17 -31.41 -0.35 -22.14
N GLU A 18 -32.61 0.12 -22.48
CA GLU A 18 -33.03 1.44 -22.06
C GLU A 18 -33.48 1.49 -20.60
N SER A 19 -33.62 0.33 -19.96
CA SER A 19 -34.00 0.29 -18.54
C SER A 19 -32.82 0.55 -17.60
N LEU A 20 -31.62 0.67 -18.16
CA LEU A 20 -30.42 0.92 -17.38
C LEU A 20 -29.88 2.34 -17.55
N ARG A 21 -29.41 2.93 -16.46
CA ARG A 21 -28.61 4.17 -16.50
C ARG A 21 -27.31 3.97 -15.75
N LEU A 22 -26.17 4.16 -16.43
CA LEU A 22 -24.88 4.06 -15.75
C LEU A 22 -24.50 5.45 -15.25
N GLU A 23 -24.46 5.62 -13.93
CA GLU A 23 -24.32 6.95 -13.36
C GLU A 23 -22.89 7.26 -12.92
N VAL A 24 -22.32 6.39 -12.09
CA VAL A 24 -20.97 6.62 -11.60
C VAL A 24 -20.09 5.42 -11.91
N LYS A 25 -18.94 5.68 -12.55
CA LYS A 25 -17.98 4.62 -12.83
C LYS A 25 -17.27 4.25 -11.53
N LEU A 26 -17.21 2.97 -11.22
CA LEU A 26 -16.62 2.54 -9.96
C LEU A 26 -15.20 2.02 -10.11
N GLY A 27 -14.92 1.32 -11.20
CA GLY A 27 -13.58 0.80 -11.43
C GLY A 27 -13.49 -0.25 -12.51
N GLN A 28 -12.64 -1.24 -12.25
CA GLN A 28 -12.38 -2.38 -13.14
C GLN A 28 -12.72 -3.67 -12.42
N GLY A 29 -13.80 -4.30 -12.85
CA GLY A 29 -14.21 -5.59 -12.29
C GLY A 29 -13.40 -6.71 -12.89
N CYS A 30 -13.74 -7.95 -12.54
CA CYS A 30 -12.94 -9.10 -12.94
C CYS A 30 -12.91 -9.28 -14.46
N PHE A 31 -13.94 -8.83 -15.16
CA PHE A 31 -14.02 -9.05 -16.60
C PHE A 31 -14.19 -7.76 -17.40
N GLY A 32 -14.95 -6.82 -16.88
CA GLY A 32 -15.12 -5.54 -17.57
C GLY A 32 -15.01 -4.37 -16.61
N GLU A 33 -15.76 -3.30 -16.89
CA GLU A 33 -15.74 -2.14 -16.01
C GLU A 33 -17.07 -2.06 -15.29
N VAL A 34 -17.06 -1.44 -14.12
CA VAL A 34 -18.23 -1.43 -13.28
C VAL A 34 -18.75 -0.05 -12.95
N TRP A 35 -20.06 0.11 -13.10
CA TRP A 35 -20.74 1.36 -12.81
C TRP A 35 -21.77 1.21 -11.70
N MET A 36 -21.94 2.27 -10.91
CA MET A 36 -23.13 2.39 -10.10
C MET A 36 -24.22 2.99 -10.98
N GLY A 37 -25.41 2.43 -10.88
CA GLY A 37 -26.49 2.90 -11.72
C GLY A 37 -27.89 2.69 -11.19
N THR A 38 -28.85 2.86 -12.09
CA THR A 38 -30.26 2.71 -11.79
C THR A 38 -30.88 1.75 -12.78
N TRP A 39 -31.78 0.90 -12.29
CA TRP A 39 -32.52 -0.06 -13.10
C TRP A 39 -34.01 0.23 -13.03
N ASN A 40 -34.67 0.32 -14.19
CA ASN A 40 -36.10 0.62 -14.27
C ASN A 40 -36.46 1.95 -13.61
N GLY A 41 -35.49 2.85 -13.50
CA GLY A 41 -35.72 4.17 -12.94
C GLY A 41 -35.90 4.22 -11.43
N THR A 42 -35.92 3.06 -10.77
CA THR A 42 -36.23 2.99 -9.35
C THR A 42 -35.20 2.22 -8.50
N THR A 43 -34.47 1.29 -9.11
CA THR A 43 -33.62 0.37 -8.36
C THR A 43 -32.13 0.68 -8.48
N ARG A 44 -31.50 0.95 -7.34
CA ARG A 44 -30.06 1.16 -7.30
C ARG A 44 -29.38 -0.17 -7.61
N VAL A 45 -28.45 -0.16 -8.55
CA VAL A 45 -27.79 -1.38 -8.99
C VAL A 45 -26.32 -1.16 -9.34
N ALA A 46 -25.57 -2.25 -9.36
CA ALA A 46 -24.23 -2.27 -9.93
C ALA A 46 -24.33 -2.83 -11.34
N ILE A 47 -23.65 -2.18 -12.28
CA ILE A 47 -23.70 -2.59 -13.69
C ILE A 47 -22.30 -2.83 -14.23
N LYS A 48 -22.07 -4.03 -14.76
CA LYS A 48 -20.78 -4.35 -15.35
C LYS A 48 -20.89 -4.45 -16.88
N THR A 49 -19.99 -3.79 -17.59
CA THR A 49 -19.97 -3.85 -19.06
C THR A 49 -18.79 -4.69 -19.55
N LEU A 50 -19.05 -5.60 -20.48
CA LEU A 50 -17.99 -6.38 -21.08
C LEU A 50 -17.65 -5.82 -22.45
N LYS A 51 -16.37 -5.59 -22.72
CA LYS A 51 -15.97 -5.12 -24.04
C LYS A 51 -16.29 -6.21 -25.04
N PRO A 52 -16.81 -5.82 -26.21
CA PRO A 52 -17.28 -6.74 -27.25
C PRO A 52 -16.31 -7.88 -27.61
N GLY A 53 -15.01 -7.66 -27.46
CA GLY A 53 -14.03 -8.70 -27.76
C GLY A 53 -13.88 -9.86 -26.78
N THR A 54 -14.35 -9.68 -25.55
CA THR A 54 -14.01 -10.59 -24.45
C THR A 54 -14.68 -11.98 -24.46
N MET A 55 -15.99 -12.05 -24.58
CA MET A 55 -16.69 -13.35 -24.52
C MET A 55 -17.87 -13.42 -25.47
N SER A 56 -18.05 -14.57 -26.11
CA SER A 56 -19.21 -14.78 -26.96
C SER A 56 -20.46 -14.80 -26.09
N PRO A 57 -21.61 -14.44 -26.67
CA PRO A 57 -22.87 -14.54 -25.95
C PRO A 57 -23.17 -15.98 -25.50
N GLU A 58 -22.72 -16.96 -26.29
CA GLU A 58 -22.93 -18.36 -25.95
C GLU A 58 -22.10 -18.75 -24.74
N ALA A 59 -20.84 -18.31 -24.73
CA ALA A 59 -19.92 -18.59 -23.63
C ALA A 59 -20.38 -17.92 -22.35
N PHE A 60 -20.88 -16.69 -22.50
CA PHE A 60 -21.34 -15.91 -21.36
C PHE A 60 -22.51 -16.55 -20.62
N LEU A 61 -23.47 -17.10 -21.37
CA LEU A 61 -24.65 -17.70 -20.78
C LEU A 61 -24.32 -18.96 -19.96
N GLN A 62 -23.28 -19.68 -20.37
CA GLN A 62 -22.82 -20.83 -19.61
C GLN A 62 -22.18 -20.40 -18.29
N GLU A 63 -21.43 -19.30 -18.32
CA GLU A 63 -20.75 -18.81 -17.13
C GLU A 63 -21.74 -18.17 -16.16
N ALA A 64 -22.70 -17.44 -16.70
CA ALA A 64 -23.68 -16.73 -15.88
C ALA A 64 -24.69 -17.69 -15.26
N GLN A 65 -24.64 -18.94 -15.71
CA GLN A 65 -25.54 -19.96 -15.19
C GLN A 65 -25.38 -20.15 -13.70
N VAL A 66 -24.16 -20.01 -13.20
CA VAL A 66 -23.92 -20.15 -11.78
C VAL A 66 -24.64 -19.06 -10.98
N MET A 67 -24.46 -17.81 -11.39
CA MET A 67 -25.10 -16.68 -10.73
C MET A 67 -26.62 -16.78 -10.82
N LYS A 68 -27.12 -17.43 -11.86
CA LYS A 68 -28.55 -17.67 -11.96
C LYS A 68 -29.01 -18.80 -11.03
N LYS A 69 -28.12 -19.76 -10.74
CA LYS A 69 -28.46 -20.91 -9.89
C LYS A 69 -28.47 -20.55 -8.40
N LEU A 70 -27.40 -19.89 -7.97
CA LEU A 70 -27.11 -19.67 -6.55
C LEU A 70 -27.80 -18.43 -6.02
N ARG A 71 -28.44 -18.57 -4.86
CA ARG A 71 -29.11 -17.45 -4.22
C ARG A 71 -28.93 -17.57 -2.72
N HIS A 72 -28.24 -16.60 -2.13
CA HIS A 72 -27.96 -16.59 -0.71
C HIS A 72 -27.65 -15.17 -0.28
N GLU A 73 -28.01 -14.83 0.95
CA GLU A 73 -27.90 -13.45 1.43
C GLU A 73 -26.45 -13.00 1.49
N LYS A 74 -25.51 -13.93 1.52
CA LYS A 74 -24.10 -13.55 1.57
C LYS A 74 -23.39 -13.81 0.25
N LEU A 75 -24.16 -13.99 -0.81
CA LEU A 75 -23.57 -14.01 -2.15
C LEU A 75 -24.15 -12.85 -2.95
N VAL A 76 -23.30 -12.07 -3.61
CA VAL A 76 -23.80 -10.95 -4.39
C VAL A 76 -24.83 -11.46 -5.38
N GLN A 77 -25.98 -10.79 -5.40
CA GLN A 77 -27.14 -11.31 -6.09
C GLN A 77 -27.28 -10.74 -7.51
N LEU A 78 -27.38 -11.62 -8.49
CA LEU A 78 -27.66 -11.22 -9.86
C LEU A 78 -29.09 -10.66 -9.94
N TYR A 79 -29.25 -9.58 -10.70
CA TYR A 79 -30.58 -9.01 -10.92
C TYR A 79 -31.06 -9.18 -12.35
N ALA A 80 -30.16 -9.02 -13.32
CA ALA A 80 -30.57 -8.98 -14.72
C ALA A 80 -29.35 -9.04 -15.62
N VAL A 81 -29.59 -9.35 -16.88
CA VAL A 81 -28.52 -9.35 -17.89
C VAL A 81 -29.01 -8.82 -19.25
N VAL A 82 -28.07 -8.26 -20.00
CA VAL A 82 -28.25 -8.05 -21.43
C VAL A 82 -27.20 -8.93 -22.07
N SER A 83 -27.64 -10.05 -22.65
CA SER A 83 -26.72 -11.13 -23.02
C SER A 83 -26.28 -11.11 -24.48
N GLU A 84 -26.64 -10.05 -25.21
CA GLU A 84 -26.10 -9.85 -26.54
C GLU A 84 -25.02 -8.79 -26.44
N GLU A 85 -24.02 -8.88 -27.30
CA GLU A 85 -22.94 -7.89 -27.30
C GLU A 85 -23.46 -6.53 -27.78
N PRO A 86 -23.09 -5.45 -27.06
CA PRO A 86 -22.23 -5.50 -25.87
C PRO A 86 -22.99 -5.93 -24.63
N ILE A 87 -22.36 -6.84 -23.88
CA ILE A 87 -22.98 -7.50 -22.77
C ILE A 87 -23.00 -6.64 -21.50
N TYR A 88 -24.15 -6.63 -20.81
CA TYR A 88 -24.28 -5.95 -19.53
C TYR A 88 -24.68 -6.94 -18.44
N ILE A 89 -24.08 -6.82 -17.25
CA ILE A 89 -24.43 -7.65 -16.10
C ILE A 89 -24.87 -6.76 -14.96
N VAL A 90 -26.04 -7.05 -14.41
CA VAL A 90 -26.63 -6.20 -13.38
C VAL A 90 -26.86 -6.94 -12.07
N THR A 91 -26.25 -6.45 -10.99
CA THR A 91 -26.36 -7.08 -9.68
C THR A 91 -26.73 -6.07 -8.59
N GLU A 92 -26.94 -6.55 -7.37
CA GLU A 92 -27.14 -5.64 -6.25
C GLU A 92 -25.91 -4.76 -6.08
N TYR A 93 -26.13 -3.53 -5.63
CA TYR A 93 -25.05 -2.58 -5.41
C TYR A 93 -24.45 -2.74 -4.01
N MET A 94 -23.14 -2.94 -3.93
CA MET A 94 -22.45 -3.04 -2.64
C MET A 94 -21.71 -1.73 -2.35
N SER A 95 -22.32 -0.92 -1.48
CA SER A 95 -21.98 0.51 -1.38
C SER A 95 -20.57 0.81 -0.89
N LYS A 96 -19.88 -0.16 -0.29
CA LYS A 96 -18.55 0.08 0.25
C LYS A 96 -17.43 -0.52 -0.60
N GLY A 97 -17.76 -1.12 -1.74
CA GLY A 97 -16.72 -1.64 -2.64
C GLY A 97 -16.07 -2.90 -2.07
N SER A 98 -14.85 -3.22 -2.52
CA SER A 98 -14.22 -4.47 -2.12
C SER A 98 -13.78 -4.40 -0.67
N LEU A 99 -13.77 -5.55 -0.04
CA LEU A 99 -13.34 -5.67 1.33
C LEU A 99 -11.90 -5.21 1.48
N LEU A 100 -11.07 -5.57 0.50
CA LEU A 100 -9.66 -5.18 0.50
C LEU A 100 -9.51 -3.65 0.58
N ASP A 101 -10.20 -2.92 -0.30
CA ASP A 101 -10.16 -1.45 -0.22
C ASP A 101 -10.72 -0.95 1.11
N PHE A 102 -11.78 -1.60 1.57
CA PHE A 102 -12.42 -1.23 2.84
C PHE A 102 -11.43 -1.32 4.00
N LEU A 103 -10.74 -2.46 4.10
CA LEU A 103 -9.77 -2.68 5.16
C LEU A 103 -8.59 -1.71 5.14
N LYS A 104 -8.10 -1.38 3.93
CA LYS A 104 -6.94 -0.49 3.76
C LYS A 104 -7.31 0.97 3.99
N GLY A 105 -8.54 1.33 3.62
CA GLY A 105 -8.98 2.72 3.64
C GLY A 105 -9.32 3.28 5.02
N GLU A 106 -9.99 4.43 5.02
CA GLU A 106 -10.32 5.19 6.23
C GLU A 106 -11.09 4.40 7.30
N MET A 107 -11.87 3.40 6.90
CA MET A 107 -12.61 2.58 7.87
C MET A 107 -11.73 1.63 8.66
N GLY A 108 -10.64 1.18 8.05
CA GLY A 108 -9.77 0.21 8.68
C GLY A 108 -9.40 0.50 10.12
N LYS A 109 -9.08 1.75 10.45
CA LYS A 109 -8.55 2.03 11.79
C LYS A 109 -9.60 1.88 12.90
N TYR A 110 -10.88 1.84 12.54
CA TYR A 110 -11.92 1.75 13.55
C TYR A 110 -12.34 0.31 13.74
N LEU A 111 -12.00 -0.55 12.79
CA LEU A 111 -12.35 -1.96 12.90
C LEU A 111 -11.50 -2.66 13.96
N ARG A 112 -12.15 -3.37 14.86
CA ARG A 112 -11.46 -4.17 15.84
C ARG A 112 -11.87 -5.62 15.67
N LEU A 113 -11.31 -6.51 16.48
CA LEU A 113 -11.55 -7.95 16.29
C LEU A 113 -13.05 -8.35 16.20
N PRO A 114 -13.92 -7.78 17.07
CA PRO A 114 -15.32 -8.20 16.99
C PRO A 114 -15.95 -7.94 15.62
N GLN A 115 -15.62 -6.82 15.00
CA GLN A 115 -16.16 -6.52 13.68
C GLN A 115 -15.54 -7.44 12.62
N LEU A 116 -14.23 -7.62 12.69
CA LEU A 116 -13.52 -8.42 11.69
C LEU A 116 -13.92 -9.90 11.76
N VAL A 117 -14.15 -10.40 12.97
CA VAL A 117 -14.58 -11.79 13.14
C VAL A 117 -16.01 -11.94 12.61
N ASP A 118 -16.83 -10.90 12.83
CA ASP A 118 -18.19 -10.92 12.31
C ASP A 118 -18.23 -10.93 10.78
N MET A 119 -17.36 -10.14 10.17
CA MET A 119 -17.20 -10.17 8.72
C MET A 119 -16.75 -11.55 8.26
N ALA A 120 -15.80 -12.15 8.99
CA ALA A 120 -15.35 -13.50 8.65
C ALA A 120 -16.50 -14.50 8.73
N ALA A 121 -17.33 -14.36 9.76
CA ALA A 121 -18.46 -15.28 9.96
C ALA A 121 -19.47 -15.20 8.80
N GLN A 122 -19.70 -13.98 8.29
CA GLN A 122 -20.61 -13.79 7.17
C GLN A 122 -20.07 -14.44 5.90
N ILE A 123 -18.79 -14.21 5.64
CA ILE A 123 -18.12 -14.81 4.50
C ILE A 123 -18.19 -16.34 4.58
N ALA A 124 -17.89 -16.90 5.77
CA ALA A 124 -17.98 -18.34 5.98
C ALA A 124 -19.40 -18.84 5.80
N SER A 125 -20.37 -18.00 6.14
CA SER A 125 -21.75 -18.37 5.93
C SER A 125 -22.07 -18.47 4.44
N GLY A 126 -21.57 -17.50 3.67
CA GLY A 126 -21.71 -17.52 2.23
C GLY A 126 -21.05 -18.76 1.65
N MET A 127 -19.86 -19.09 2.14
CA MET A 127 -19.14 -20.25 1.60
C MET A 127 -19.76 -21.57 2.07
N ALA A 128 -20.43 -21.55 3.22
CA ALA A 128 -21.07 -22.78 3.69
C ALA A 128 -22.24 -23.09 2.78
N TYR A 129 -22.85 -22.04 2.21
CA TYR A 129 -23.92 -22.26 1.25
C TYR A 129 -23.34 -22.87 -0.04
N VAL A 130 -22.22 -22.32 -0.48
CA VAL A 130 -21.50 -22.84 -1.64
C VAL A 130 -21.12 -24.30 -1.40
N GLU A 131 -20.67 -24.57 -0.18
CA GLU A 131 -20.36 -25.92 0.25
C GLU A 131 -21.56 -26.88 0.18
N ARG A 132 -22.71 -26.48 0.75
CA ARG A 132 -23.93 -27.31 0.71
C ARG A 132 -24.40 -27.54 -0.73
N MET A 133 -24.12 -26.60 -1.64
CA MET A 133 -24.58 -26.74 -3.03
C MET A 133 -23.59 -27.53 -3.89
N ASN A 134 -22.49 -27.97 -3.28
CA ASN A 134 -21.44 -28.71 -3.97
C ASN A 134 -20.79 -27.89 -5.10
N TYR A 135 -20.56 -26.62 -4.85
CA TYR A 135 -19.79 -25.78 -5.75
C TYR A 135 -18.43 -25.44 -5.17
N VAL A 136 -17.58 -24.84 -5.99
CA VAL A 136 -16.25 -24.41 -5.56
C VAL A 136 -16.01 -22.99 -6.06
N HIS A 137 -15.42 -22.15 -5.23
CA HIS A 137 -15.22 -20.77 -5.61
C HIS A 137 -13.98 -20.63 -6.46
N ARG A 138 -12.85 -21.12 -5.92
CA ARG A 138 -11.53 -21.15 -6.58
C ARG A 138 -10.75 -19.84 -6.48
N ASP A 139 -11.40 -18.75 -6.06
CA ASP A 139 -10.67 -17.48 -5.95
C ASP A 139 -11.14 -16.63 -4.77
N LEU A 140 -11.20 -17.27 -3.61
CA LEU A 140 -11.61 -16.57 -2.42
C LEU A 140 -10.47 -15.72 -1.86
N ARG A 141 -10.73 -14.43 -1.65
CA ARG A 141 -9.76 -13.50 -1.08
C ARG A 141 -10.47 -12.18 -0.91
N ALA A 142 -9.90 -11.27 -0.11
CA ALA A 142 -10.57 -10.02 0.25
C ALA A 142 -10.93 -9.19 -0.99
N ALA A 143 -10.12 -9.24 -2.05
CA ALA A 143 -10.44 -8.49 -3.27
C ALA A 143 -11.72 -8.99 -3.94
N ASN A 144 -12.14 -10.21 -3.62
CA ASN A 144 -13.36 -10.74 -4.19
C ASN A 144 -14.50 -10.79 -3.20
N ILE A 145 -14.36 -10.05 -2.10
CA ILE A 145 -15.46 -9.88 -1.17
C ILE A 145 -15.93 -8.42 -1.28
N LEU A 146 -17.25 -8.22 -1.29
CA LEU A 146 -17.83 -6.88 -1.37
C LEU A 146 -18.50 -6.51 -0.07
N VAL A 147 -18.47 -5.23 0.26
CA VAL A 147 -19.02 -4.74 1.51
C VAL A 147 -20.17 -3.75 1.27
N GLY A 148 -21.20 -3.87 2.09
CA GLY A 148 -22.35 -2.98 1.99
C GLY A 148 -22.53 -2.20 3.28
N GLU A 149 -23.73 -1.66 3.47
CA GLU A 149 -24.07 -0.93 4.68
C GLU A 149 -24.04 -1.89 5.89
N ASN A 150 -23.76 -1.35 7.07
CA ASN A 150 -23.86 -2.12 8.31
C ASN A 150 -22.89 -3.30 8.36
N LEU A 151 -21.75 -3.13 7.69
CA LEU A 151 -20.70 -4.13 7.65
C LEU A 151 -21.15 -5.46 7.04
N VAL A 152 -22.20 -5.45 6.24
CA VAL A 152 -22.56 -6.64 5.47
C VAL A 152 -21.47 -7.01 4.45
N CYS A 153 -21.07 -8.28 4.44
CA CYS A 153 -20.06 -8.81 3.51
C CYS A 153 -20.62 -9.91 2.62
N LYS A 154 -20.30 -9.88 1.34
CA LYS A 154 -20.84 -10.88 0.42
C LYS A 154 -19.77 -11.40 -0.52
N VAL A 155 -19.83 -12.69 -0.80
CA VAL A 155 -18.89 -13.36 -1.70
C VAL A 155 -19.26 -13.02 -3.15
N ALA A 156 -18.25 -12.71 -3.95
CA ALA A 156 -18.46 -12.34 -5.34
C ALA A 156 -17.42 -12.96 -6.26
N ASP A 157 -17.58 -12.72 -7.55
CA ASP A 157 -16.58 -13.08 -8.57
C ASP A 157 -16.06 -14.51 -8.42
N PHE A 158 -16.92 -15.49 -8.69
CA PHE A 158 -16.49 -16.88 -8.74
C PHE A 158 -15.47 -17.06 -9.86
N GLY A 159 -14.44 -17.86 -9.62
CA GLY A 159 -13.38 -18.05 -10.59
C GLY A 159 -13.78 -18.91 -11.77
N PRO A 178 -2.57 -15.93 -8.29
CA PRO A 178 -2.86 -15.60 -6.90
C PRO A 178 -2.35 -16.71 -5.99
N ILE A 179 -1.13 -17.15 -6.25
CA ILE A 179 -0.53 -18.25 -5.51
C ILE A 179 -0.58 -18.07 -4.00
N LYS A 180 -0.50 -16.82 -3.52
CA LYS A 180 -0.46 -16.60 -2.07
C LYS A 180 -1.78 -16.93 -1.39
N TRP A 181 -2.86 -16.99 -2.16
CA TRP A 181 -4.14 -17.38 -1.57
C TRP A 181 -4.51 -18.83 -1.89
N THR A 182 -3.69 -19.49 -2.69
CA THR A 182 -4.08 -20.78 -3.24
C THR A 182 -3.44 -21.94 -2.50
N ALA A 183 -4.28 -22.92 -2.13
CA ALA A 183 -3.80 -24.15 -1.53
C ALA A 183 -2.79 -24.85 -2.44
N PRO A 184 -1.76 -25.43 -1.84
CA PRO A 184 -0.70 -26.10 -2.59
C PRO A 184 -1.19 -27.22 -3.51
N GLU A 185 -2.19 -28.01 -3.12
CA GLU A 185 -2.63 -29.07 -4.04
C GLU A 185 -3.37 -28.48 -5.24
N ALA A 186 -3.93 -27.28 -5.09
CA ALA A 186 -4.64 -26.64 -6.18
C ALA A 186 -3.63 -26.01 -7.11
N ALA A 187 -2.69 -25.25 -6.54
CA ALA A 187 -1.68 -24.59 -7.34
C ALA A 187 -0.77 -25.57 -8.07
N LEU A 188 -0.41 -26.65 -7.39
CA LEU A 188 0.49 -27.65 -7.97
C LEU A 188 -0.20 -28.66 -8.89
N TYR A 189 -1.32 -29.20 -8.47
CA TYR A 189 -1.90 -30.35 -9.17
C TYR A 189 -3.31 -30.12 -9.72
N GLY A 190 -3.80 -28.90 -9.60
CA GLY A 190 -5.11 -28.54 -10.13
C GLY A 190 -6.28 -29.09 -9.32
N ARG A 191 -6.01 -29.48 -8.08
CA ARG A 191 -7.06 -30.03 -7.23
C ARG A 191 -7.86 -28.93 -6.53
N PHE A 192 -8.75 -28.27 -7.27
CA PHE A 192 -9.58 -27.24 -6.67
C PHE A 192 -10.84 -27.87 -6.07
N THR A 193 -10.99 -27.77 -4.75
CA THR A 193 -12.17 -28.29 -4.06
C THR A 193 -12.61 -27.28 -3.02
N ILE A 194 -13.70 -27.61 -2.33
CA ILE A 194 -14.16 -26.75 -1.26
C ILE A 194 -13.08 -26.66 -0.17
N LYS A 195 -12.25 -27.70 -0.06
CA LYS A 195 -11.16 -27.67 0.92
C LYS A 195 -10.06 -26.70 0.51
N SER A 196 -9.83 -26.49 -0.79
CA SER A 196 -8.84 -25.50 -1.16
C SER A 196 -9.42 -24.11 -0.93
N ASP A 197 -10.74 -23.97 -1.04
CA ASP A 197 -11.37 -22.72 -0.63
C ASP A 197 -11.17 -22.51 0.90
N VAL A 198 -11.19 -23.59 1.66
CA VAL A 198 -10.98 -23.44 3.11
C VAL A 198 -9.56 -22.92 3.36
N TRP A 199 -8.58 -23.39 2.59
CA TRP A 199 -7.24 -22.85 2.73
C TRP A 199 -7.26 -21.34 2.47
N SER A 200 -7.91 -20.94 1.38
CA SER A 200 -7.99 -19.54 0.97
C SER A 200 -8.67 -18.72 2.05
N PHE A 201 -9.68 -19.29 2.66
CA PHE A 201 -10.37 -18.60 3.75
C PHE A 201 -9.40 -18.31 4.89
N GLY A 202 -8.52 -19.26 5.20
CA GLY A 202 -7.52 -19.02 6.24
C GLY A 202 -6.60 -17.85 5.90
N ILE A 203 -6.21 -17.74 4.62
CA ILE A 203 -5.41 -16.61 4.18
C ILE A 203 -6.23 -15.32 4.29
N LEU A 204 -7.50 -15.40 3.93
CA LEU A 204 -8.40 -14.23 4.06
C LEU A 204 -8.48 -13.78 5.53
N LEU A 205 -8.43 -14.73 6.47
CA LEU A 205 -8.43 -14.35 7.89
C LEU A 205 -7.21 -13.50 8.25
N THR A 206 -6.06 -13.72 7.60
CA THR A 206 -4.93 -12.85 7.90
C THR A 206 -5.09 -11.45 7.30
N GLU A 207 -5.72 -11.35 6.12
CA GLU A 207 -6.02 -10.06 5.50
C GLU A 207 -6.89 -9.23 6.45
N LEU A 208 -7.87 -9.89 7.04
CA LEU A 208 -8.78 -9.23 7.97
C LEU A 208 -8.00 -8.72 9.18
N THR A 209 -7.15 -9.57 9.75
CA THR A 209 -6.54 -9.21 11.03
C THR A 209 -5.32 -8.30 10.82
N THR A 210 -4.88 -8.13 9.58
CA THR A 210 -3.82 -7.15 9.30
C THR A 210 -4.35 -5.91 8.60
N LYS A 211 -5.67 -5.78 8.51
CA LYS A 211 -6.28 -4.66 7.81
C LYS A 211 -5.83 -4.64 6.35
N GLY A 212 -5.81 -5.80 5.71
CA GLY A 212 -5.62 -5.83 4.27
C GLY A 212 -4.20 -5.95 3.72
N ARG A 213 -3.21 -6.22 4.57
CA ARG A 213 -1.85 -6.38 4.08
C ARG A 213 -1.75 -7.62 3.18
N VAL A 214 -0.84 -7.59 2.22
CA VAL A 214 -0.54 -8.77 1.42
C VAL A 214 0.03 -9.85 2.31
N PRO A 215 -0.48 -11.08 2.19
CA PRO A 215 0.02 -12.27 2.93
C PRO A 215 1.50 -12.53 2.62
N TYR A 216 2.18 -13.32 3.43
CA TYR A 216 3.62 -13.59 3.27
C TYR A 216 4.42 -12.35 2.94
N PRO A 217 4.37 -11.31 3.81
CA PRO A 217 5.05 -10.05 3.50
C PRO A 217 6.52 -10.26 3.19
N GLY A 218 7.01 -9.58 2.16
CA GLY A 218 8.41 -9.68 1.77
C GLY A 218 8.78 -10.98 1.05
N MET A 219 7.79 -11.83 0.78
CA MET A 219 8.03 -13.05 0.01
C MET A 219 7.40 -12.96 -1.37
N VAL A 220 8.18 -13.27 -2.39
CA VAL A 220 7.63 -13.28 -3.74
C VAL A 220 6.93 -14.61 -3.97
N ASN A 221 6.14 -14.69 -5.04
CA ASN A 221 5.37 -15.88 -5.36
C ASN A 221 6.16 -17.18 -5.31
N ARG A 222 7.35 -17.17 -5.90
CA ARG A 222 8.22 -18.34 -5.99
C ARG A 222 8.67 -18.87 -4.64
N GLU A 223 8.94 -17.99 -3.70
CA GLU A 223 9.32 -18.41 -2.36
C GLU A 223 8.15 -19.08 -1.68
N VAL A 224 6.97 -18.51 -1.87
CA VAL A 224 5.78 -18.96 -1.17
C VAL A 224 5.46 -20.44 -1.36
N LEU A 225 5.36 -20.87 -2.62
CA LEU A 225 4.93 -22.22 -2.88
C LEU A 225 5.92 -23.22 -2.30
N ASP A 226 7.21 -22.97 -2.51
CA ASP A 226 8.28 -23.80 -1.96
C ASP A 226 8.29 -23.81 -0.43
N GLN A 227 8.09 -22.66 0.18
CA GLN A 227 8.12 -22.54 1.63
C GLN A 227 6.95 -23.30 2.22
N VAL A 228 5.78 -23.17 1.59
CA VAL A 228 4.56 -23.80 2.09
C VAL A 228 4.63 -25.33 2.01
N GLU A 229 5.22 -25.86 0.93
CA GLU A 229 5.42 -27.30 0.80
C GLU A 229 6.36 -27.88 1.87
N ARG A 230 7.34 -27.08 2.30
CA ARG A 230 8.24 -27.50 3.36
C ARG A 230 7.64 -27.26 4.74
N GLY A 231 6.41 -26.76 4.77
CA GLY A 231 5.71 -26.64 6.03
C GLY A 231 5.60 -25.25 6.61
N TYR A 232 6.19 -24.26 5.95
CA TYR A 232 6.06 -22.89 6.45
C TYR A 232 4.60 -22.42 6.48
N ARG A 233 4.24 -21.74 7.56
CA ARG A 233 2.93 -21.10 7.71
C ARG A 233 3.15 -19.71 8.30
N MET A 234 2.30 -18.75 7.92
CA MET A 234 2.35 -17.41 8.52
C MET A 234 2.14 -17.46 10.03
N PRO A 235 2.89 -16.62 10.77
CA PRO A 235 2.80 -16.57 12.23
C PRO A 235 1.57 -15.78 12.70
N CYS A 236 1.34 -15.80 14.01
CA CYS A 236 0.24 -15.04 14.60
C CYS A 236 0.43 -13.52 14.39
N PRO A 237 -0.49 -12.87 13.66
CA PRO A 237 -0.42 -11.41 13.50
C PRO A 237 -0.42 -10.70 14.86
N PRO A 238 0.24 -9.54 14.96
CA PRO A 238 0.28 -8.76 16.20
C PRO A 238 -1.13 -8.46 16.73
N GLU A 239 -1.34 -8.66 18.03
CA GLU A 239 -2.63 -8.44 18.71
C GLU A 239 -3.75 -9.40 18.29
N CYS A 240 -3.46 -10.33 17.38
CA CYS A 240 -4.45 -11.36 17.07
C CYS A 240 -4.35 -12.47 18.11
N PRO A 241 -5.47 -12.89 18.72
CA PRO A 241 -5.41 -13.98 19.71
C PRO A 241 -4.90 -15.27 19.11
N GLU A 242 -4.15 -16.02 19.91
CA GLU A 242 -3.62 -17.31 19.49
C GLU A 242 -4.73 -18.24 18.97
N SER A 243 -5.88 -18.22 19.63
CA SER A 243 -6.98 -19.11 19.25
C SER A 243 -7.49 -18.86 17.82
N LEU A 244 -7.41 -17.61 17.35
CA LEU A 244 -7.82 -17.32 15.98
C LEU A 244 -6.73 -17.75 15.00
N HIS A 245 -5.47 -17.59 15.38
CA HIS A 245 -4.37 -18.09 14.56
C HIS A 245 -4.39 -19.63 14.51
N ASP A 246 -4.83 -20.28 15.59
CA ASP A 246 -4.98 -21.74 15.57
C ASP A 246 -6.00 -22.18 14.52
N LEU A 247 -7.07 -21.40 14.36
CA LEU A 247 -8.08 -21.65 13.35
C LEU A 247 -7.53 -21.51 11.93
N MET A 248 -6.67 -20.51 11.75
CA MET A 248 -5.95 -20.34 10.50
C MET A 248 -5.13 -21.58 10.18
N CYS A 249 -4.35 -22.02 11.17
CA CYS A 249 -3.54 -23.22 11.01
C CYS A 249 -4.39 -24.46 10.69
N GLN A 250 -5.60 -24.54 11.24
CA GLN A 250 -6.50 -25.63 10.85
C GLN A 250 -6.86 -25.53 9.35
N CYS A 251 -7.09 -24.31 8.86
CA CYS A 251 -7.35 -24.10 7.44
C CYS A 251 -6.16 -24.44 6.56
N TRP A 252 -4.95 -24.40 7.12
CA TRP A 252 -3.75 -24.60 6.33
C TRP A 252 -3.11 -25.97 6.58
N ARG A 253 -3.91 -26.94 7.04
CA ARG A 253 -3.39 -28.28 7.13
C ARG A 253 -3.04 -28.79 5.74
N LYS A 254 -1.93 -29.52 5.64
CA LYS A 254 -1.44 -30.04 4.38
C LYS A 254 -2.45 -31.03 3.77
N ASP A 255 -3.05 -31.89 4.59
CA ASP A 255 -4.08 -32.84 4.12
C ASP A 255 -5.42 -32.10 4.02
N PRO A 256 -5.96 -31.96 2.81
CA PRO A 256 -7.18 -31.16 2.66
C PRO A 256 -8.35 -31.74 3.46
N GLU A 257 -8.39 -33.06 3.62
CA GLU A 257 -9.51 -33.67 4.33
C GLU A 257 -9.46 -33.38 5.84
N GLU A 258 -8.34 -32.84 6.32
CA GLU A 258 -8.22 -32.52 7.76
C GLU A 258 -8.60 -31.09 8.03
N ARG A 259 -8.80 -30.31 6.98
CA ARG A 259 -9.24 -28.94 7.16
C ARG A 259 -10.72 -28.93 7.54
N PRO A 260 -11.13 -27.95 8.36
CA PRO A 260 -12.53 -27.86 8.79
C PRO A 260 -13.47 -27.51 7.65
N THR A 261 -14.75 -27.80 7.85
CA THR A 261 -15.76 -27.37 6.90
C THR A 261 -16.11 -25.91 7.10
N PHE A 262 -16.78 -25.32 6.12
CA PHE A 262 -17.25 -23.96 6.30
C PHE A 262 -18.39 -23.91 7.32
N GLU A 263 -19.17 -24.99 7.42
CA GLU A 263 -20.21 -25.09 8.44
C GLU A 263 -19.58 -24.96 9.82
N TYR A 264 -18.46 -25.65 10.03
CA TYR A 264 -17.70 -25.54 11.28
C TYR A 264 -17.13 -24.13 11.47
N LEU A 265 -16.54 -23.59 10.42
CA LEU A 265 -15.92 -22.25 10.49
C LEU A 265 -16.96 -21.18 10.80
N GLN A 266 -18.13 -21.26 10.18
CA GLN A 266 -19.20 -20.31 10.44
C GLN A 266 -19.57 -20.31 11.92
N ALA A 267 -19.80 -21.50 12.48
CA ALA A 267 -20.24 -21.66 13.87
C ALA A 267 -19.18 -21.19 14.86
N PHE A 268 -17.94 -21.54 14.58
CA PHE A 268 -16.82 -21.13 15.41
C PHE A 268 -16.70 -19.59 15.47
N LEU A 269 -16.88 -18.93 14.34
CA LEU A 269 -16.68 -17.48 14.32
C LEU A 269 -17.86 -16.74 14.92
N GLU A 270 -19.07 -17.23 14.65
CA GLU A 270 -20.30 -16.68 15.25
C GLU A 270 -20.29 -16.75 16.78
N ASP A 271 -19.67 -17.80 17.33
CA ASP A 271 -19.69 -18.05 18.77
C ASP A 271 -18.44 -17.55 19.48
N TYR A 272 -17.54 -16.93 18.70
CA TYR A 272 -16.15 -16.76 19.11
C TYR A 272 -15.94 -16.05 20.45
N PHE A 273 -16.66 -14.96 20.67
CA PHE A 273 -16.41 -14.14 21.85
C PHE A 273 -17.12 -14.63 23.10
N THR A 274 -17.89 -15.71 22.98
CA THR A 274 -18.45 -16.38 24.17
C THR A 274 -17.71 -17.68 24.45
N SER A 275 -17.56 -18.50 23.43
CA SER A 275 -17.05 -19.85 23.61
C SER A 275 -15.52 -19.93 23.61
N THR A 276 -14.87 -19.02 22.89
CA THR A 276 -13.44 -19.15 22.64
C THR A 276 -12.63 -18.05 23.30
N GLU A 277 -13.08 -16.81 23.18
CA GLU A 277 -12.34 -15.73 23.80
C GLU A 277 -13.28 -14.89 24.68
N PRO A 278 -13.82 -15.50 25.76
CA PRO A 278 -14.78 -14.76 26.59
C PRO A 278 -14.12 -13.60 27.32
N GLN A 279 -12.80 -13.60 27.37
CA GLN A 279 -12.12 -12.55 28.14
C GLN A 279 -11.43 -11.54 27.23
N TYR A 280 -11.84 -11.49 25.96
CA TYR A 280 -11.27 -10.53 25.02
C TYR A 280 -11.38 -9.11 25.56
N GLN A 281 -10.30 -8.34 25.41
CA GLN A 281 -10.28 -6.92 25.73
C GLN A 281 -9.75 -6.15 24.54
N PRO A 282 -10.43 -5.04 24.16
CA PRO A 282 -10.01 -4.25 23.01
C PRO A 282 -8.55 -3.80 23.10
N GLY A 283 -7.87 -3.74 21.96
CA GLY A 283 -6.50 -3.25 21.93
C GLY A 283 -6.37 -2.01 21.06
N GLU A 284 -5.14 -1.67 20.71
CA GLU A 284 -4.89 -0.48 19.91
C GLU A 284 -5.36 -0.68 18.46
N ASN A 285 -5.16 -1.87 17.92
CA ASN A 285 -5.56 -2.15 16.56
C ASN A 285 -6.57 -3.27 16.41
N LEU A 286 -6.60 -4.20 17.39
CA LEU A 286 -7.55 -5.31 17.33
C LEU A 286 -8.28 -5.49 18.66
N ALA B 9 31.18 20.24 27.60
CA ALA B 9 31.23 18.79 27.81
C ALA B 9 30.72 18.05 26.58
N LYS B 10 31.53 17.15 26.05
CA LYS B 10 31.21 16.40 24.85
C LYS B 10 30.50 15.08 25.17
N ASP B 11 29.76 14.56 24.19
CA ASP B 11 29.13 13.26 24.34
C ASP B 11 29.96 12.20 23.61
N ALA B 12 29.51 10.95 23.71
CA ALA B 12 30.27 9.84 23.16
C ALA B 12 30.27 9.79 21.63
N TRP B 13 29.65 10.78 20.98
CA TRP B 13 29.72 10.87 19.52
C TRP B 13 30.99 11.59 19.03
N GLU B 14 31.66 12.29 19.95
CA GLU B 14 32.84 13.09 19.62
C GLU B 14 34.08 12.26 19.31
N ILE B 15 34.77 12.61 18.23
CA ILE B 15 36.03 11.98 17.85
C ILE B 15 37.11 13.00 17.57
N PRO B 16 38.39 12.58 17.57
CA PRO B 16 39.45 13.51 17.17
C PRO B 16 39.54 13.67 15.64
N ARG B 17 39.98 14.83 15.16
CA ARG B 17 40.03 15.09 13.73
C ARG B 17 40.98 14.20 12.97
N GLU B 18 42.09 13.84 13.62
CA GLU B 18 43.13 13.09 12.93
C GLU B 18 42.73 11.64 12.73
N SER B 19 41.58 11.26 13.29
CA SER B 19 41.04 9.94 13.03
C SER B 19 40.33 9.94 11.67
N LEU B 20 40.26 11.11 11.04
CA LEU B 20 39.63 11.26 9.74
C LEU B 20 40.65 11.53 8.64
N ARG B 21 40.43 10.95 7.46
CA ARG B 21 41.18 11.34 6.27
C ARG B 21 40.20 11.69 5.16
N LEU B 22 40.28 12.91 4.64
CA LEU B 22 39.42 13.30 3.51
C LEU B 22 40.11 12.99 2.19
N GLU B 23 39.54 12.08 1.41
CA GLU B 23 40.22 11.58 0.22
C GLU B 23 39.67 12.19 -1.07
N VAL B 24 38.36 12.05 -1.27
CA VAL B 24 37.73 12.56 -2.49
C VAL B 24 36.57 13.49 -2.18
N LYS B 25 36.60 14.63 -2.85
CA LYS B 25 35.55 15.63 -2.77
C LYS B 25 34.31 15.16 -3.52
N LEU B 26 33.13 15.15 -2.87
CA LEU B 26 31.90 14.66 -3.52
C LEU B 26 31.00 15.81 -3.98
N GLY B 27 30.98 16.89 -3.23
CA GLY B 27 30.16 18.02 -3.61
C GLY B 27 30.15 19.19 -2.66
N GLN B 28 29.56 20.30 -3.11
CA GLN B 28 29.66 21.57 -2.39
C GLN B 28 28.34 22.24 -2.04
N PHE B 31 26.55 26.01 2.08
CA PHE B 31 27.00 25.35 3.29
C PHE B 31 28.52 25.18 3.28
N GLY B 32 28.96 23.93 3.14
CA GLY B 32 30.38 23.59 3.12
C GLY B 32 30.80 22.59 2.05
N GLU B 33 31.68 21.66 2.40
CA GLU B 33 32.11 20.61 1.48
C GLU B 33 31.64 19.26 1.95
N VAL B 34 31.47 18.33 1.01
CA VAL B 34 31.18 16.95 1.37
C VAL B 34 32.28 16.09 0.74
N TRP B 35 32.93 15.27 1.58
CA TRP B 35 34.02 14.39 1.14
C TRP B 35 33.74 12.92 1.37
N MET B 36 34.27 12.08 0.49
CA MET B 36 34.43 10.67 0.80
C MET B 36 35.76 10.48 1.51
N GLY B 37 35.77 9.72 2.60
CA GLY B 37 37.00 9.54 3.34
C GLY B 37 37.09 8.24 4.11
N THR B 38 38.09 8.16 4.98
CA THR B 38 38.34 6.98 5.78
C THR B 38 38.36 7.36 7.26
N TRP B 39 37.77 6.52 8.09
CA TRP B 39 37.69 6.74 9.53
C TRP B 39 38.42 5.61 10.27
N ASN B 40 39.29 5.99 11.21
CA ASN B 40 40.06 5.03 12.00
C ASN B 40 40.92 4.11 11.14
N GLY B 41 41.25 4.57 9.94
CA GLY B 41 42.11 3.82 9.05
C GLY B 41 41.42 2.64 8.38
N THR B 42 40.17 2.38 8.77
CA THR B 42 39.47 1.18 8.32
C THR B 42 38.08 1.39 7.71
N THR B 43 37.39 2.45 8.10
CA THR B 43 35.98 2.62 7.70
C THR B 43 35.74 3.72 6.68
N ARG B 44 35.17 3.34 5.54
CA ARG B 44 34.81 4.30 4.50
C ARG B 44 33.63 5.12 4.99
N VAL B 45 33.74 6.44 4.88
CA VAL B 45 32.69 7.31 5.42
C VAL B 45 32.48 8.51 4.51
N ALA B 46 31.33 9.16 4.66
CA ALA B 46 31.12 10.46 4.05
C ALA B 46 31.36 11.51 5.10
N ILE B 47 32.08 12.56 4.74
CA ILE B 47 32.41 13.61 5.69
C ILE B 47 31.96 14.97 5.20
N LYS B 48 31.14 15.64 6.00
CA LYS B 48 30.69 16.97 5.65
C LYS B 48 31.42 17.96 6.52
N THR B 49 32.03 18.95 5.87
CA THR B 49 32.75 20.01 6.54
C THR B 49 31.96 21.31 6.42
N LEU B 50 31.80 22.00 7.54
CA LEU B 50 31.10 23.27 7.56
C LEU B 50 32.11 24.42 7.63
N LYS B 51 31.93 25.41 6.76
CA LYS B 51 32.82 26.58 6.77
C LYS B 51 32.66 27.31 8.10
N PRO B 52 33.78 27.78 8.67
CA PRO B 52 33.83 28.43 9.99
C PRO B 52 32.76 29.50 10.21
N GLY B 53 32.36 30.19 9.16
CA GLY B 53 31.35 31.24 9.26
C GLY B 53 29.93 30.75 9.46
N THR B 54 29.67 29.48 9.18
CA THR B 54 28.30 29.00 9.04
C THR B 54 27.51 28.88 10.35
N MET B 55 28.03 28.14 11.33
CA MET B 55 27.29 27.97 12.57
C MET B 55 28.22 27.81 13.78
N SER B 56 27.80 28.38 14.90
CA SER B 56 28.56 28.29 16.15
C SER B 56 28.61 26.84 16.61
N PRO B 57 29.65 26.49 17.40
CA PRO B 57 29.73 25.13 17.94
C PRO B 57 28.54 24.80 18.83
N GLU B 58 28.00 25.80 19.50
CA GLU B 58 26.82 25.64 20.34
C GLU B 58 25.56 25.41 19.50
N ALA B 59 25.41 26.18 18.43
CA ALA B 59 24.24 26.10 17.55
C ALA B 59 24.17 24.75 16.84
N PHE B 60 25.31 24.25 16.39
CA PHE B 60 25.36 22.98 15.70
C PHE B 60 24.94 21.83 16.61
N LEU B 61 25.41 21.87 17.85
CA LEU B 61 25.18 20.81 18.82
C LEU B 61 23.69 20.68 19.16
N GLN B 62 22.97 21.80 19.12
CA GLN B 62 21.52 21.80 19.31
C GLN B 62 20.83 21.12 18.14
N GLU B 63 21.33 21.40 16.93
CA GLU B 63 20.76 20.85 15.70
C GLU B 63 21.08 19.37 15.52
N ALA B 64 22.29 18.98 15.89
CA ALA B 64 22.76 17.61 15.68
C ALA B 64 22.04 16.62 16.60
N GLN B 65 21.28 17.16 17.55
CA GLN B 65 20.56 16.33 18.51
C GLN B 65 19.61 15.37 17.82
N VAL B 66 18.99 15.85 16.73
CA VAL B 66 18.04 15.06 15.96
C VAL B 66 18.68 13.83 15.31
N MET B 67 19.80 14.07 14.63
CA MET B 67 20.53 13.01 13.96
C MET B 67 21.09 11.98 14.95
N LYS B 68 21.39 12.42 16.17
CA LYS B 68 21.87 11.51 17.21
C LYS B 68 20.71 10.67 17.76
N LYS B 69 19.51 11.22 17.75
CA LYS B 69 18.31 10.52 18.23
C LYS B 69 17.79 9.50 17.24
N LEU B 70 17.79 9.85 15.95
CA LEU B 70 17.12 9.02 14.98
C LEU B 70 18.03 7.92 14.50
N ARG B 71 17.51 6.70 14.47
CA ARG B 71 18.23 5.53 14.00
C ARG B 71 17.27 4.59 13.27
N HIS B 72 17.49 4.44 11.97
CA HIS B 72 16.62 3.63 11.13
C HIS B 72 17.35 3.30 9.83
N GLU B 73 17.04 2.15 9.23
CA GLU B 73 17.77 1.68 8.07
C GLU B 73 17.57 2.57 6.84
N LYS B 74 16.51 3.37 6.85
CA LYS B 74 16.21 4.24 5.69
C LYS B 74 16.48 5.73 5.98
N LEU B 75 17.24 5.99 7.04
CA LEU B 75 17.77 7.31 7.32
C LEU B 75 19.26 7.22 7.29
N VAL B 76 19.93 8.14 6.58
CA VAL B 76 21.39 8.16 6.57
C VAL B 76 21.90 8.23 7.99
N GLN B 77 22.82 7.33 8.32
CA GLN B 77 23.20 7.12 9.72
C GLN B 77 24.45 7.90 10.13
N LEU B 78 24.33 8.66 11.20
CA LEU B 78 25.47 9.37 11.80
C LEU B 78 26.48 8.40 12.40
N TYR B 79 27.78 8.67 12.23
CA TYR B 79 28.84 7.86 12.83
C TYR B 79 29.57 8.62 13.93
N ALA B 80 29.78 9.92 13.70
CA ALA B 80 30.61 10.74 14.60
C ALA B 80 30.51 12.23 14.27
N VAL B 81 30.97 13.07 15.21
CA VAL B 81 31.02 14.51 14.98
C VAL B 81 32.30 15.10 15.53
N VAL B 82 32.73 16.20 14.92
CA VAL B 82 33.75 17.06 15.51
C VAL B 82 33.10 18.41 15.79
N SER B 83 32.92 18.71 17.07
CA SER B 83 32.07 19.81 17.49
C SER B 83 32.83 21.12 17.69
N GLU B 84 34.10 21.14 17.31
CA GLU B 84 34.87 22.39 17.31
C GLU B 84 35.08 22.87 15.87
N GLU B 85 35.17 24.18 15.67
CA GLU B 85 35.39 24.72 14.33
C GLU B 85 36.80 24.43 13.82
N PRO B 86 36.91 23.96 12.56
CA PRO B 86 35.80 23.71 11.63
C PRO B 86 35.03 22.43 11.91
N ILE B 87 33.72 22.51 11.85
CA ILE B 87 32.88 21.42 12.28
C ILE B 87 32.83 20.33 11.21
N TYR B 88 32.98 19.08 11.64
CA TYR B 88 32.87 17.92 10.77
C TYR B 88 31.72 17.02 11.19
N ILE B 89 30.98 16.51 10.21
CA ILE B 89 29.94 15.53 10.48
C ILE B 89 30.24 14.26 9.68
N VAL B 90 30.23 13.13 10.36
CA VAL B 90 30.64 11.89 9.72
C VAL B 90 29.49 10.88 9.67
N THR B 91 29.13 10.46 8.46
CA THR B 91 28.02 9.52 8.29
C THR B 91 28.37 8.34 7.41
N GLU B 92 27.45 7.40 7.25
CA GLU B 92 27.64 6.33 6.27
C GLU B 92 27.73 6.93 4.86
N TYR B 93 28.52 6.29 4.02
CA TYR B 93 28.72 6.69 2.63
C TYR B 93 27.63 6.11 1.74
N MET B 94 26.98 6.98 0.96
CA MET B 94 25.94 6.54 0.03
C MET B 94 26.49 6.58 -1.41
N SER B 95 26.83 5.41 -1.92
CA SER B 95 27.69 5.32 -3.11
C SER B 95 27.09 5.84 -4.43
N LYS B 96 25.77 5.97 -4.51
CA LYS B 96 25.16 6.40 -5.77
C LYS B 96 24.65 7.84 -5.76
N GLY B 97 24.91 8.58 -4.69
CA GLY B 97 24.59 10.01 -4.63
C GLY B 97 23.13 10.35 -4.50
N SER B 98 22.75 11.56 -4.87
CA SER B 98 21.38 12.02 -4.62
C SER B 98 20.42 11.30 -5.55
N LEU B 99 19.21 11.07 -5.07
CA LEU B 99 18.16 10.46 -5.87
C LEU B 99 17.86 11.36 -7.08
N LEU B 100 17.86 12.66 -6.84
CA LEU B 100 17.62 13.62 -7.94
C LEU B 100 18.60 13.42 -9.08
N ASP B 101 19.90 13.41 -8.78
CA ASP B 101 20.90 13.17 -9.86
C ASP B 101 20.73 11.81 -10.49
N PHE B 102 20.41 10.80 -9.66
CA PHE B 102 20.23 9.44 -10.14
C PHE B 102 19.11 9.40 -11.17
N LEU B 103 17.97 10.00 -10.82
CA LEU B 103 16.82 10.07 -11.72
C LEU B 103 17.09 10.83 -13.03
N LYS B 104 17.87 11.90 -12.96
CA LYS B 104 18.15 12.72 -14.14
C LYS B 104 19.20 12.10 -15.03
N GLY B 105 20.13 11.37 -14.41
CA GLY B 105 21.29 10.87 -15.13
C GLY B 105 21.02 9.67 -15.99
N GLU B 106 22.09 9.05 -16.44
CA GLU B 106 22.04 7.90 -17.32
C GLU B 106 21.13 6.79 -16.79
N MET B 107 20.95 6.73 -15.47
CA MET B 107 20.12 5.66 -14.90
C MET B 107 18.62 5.88 -15.04
N GLY B 108 18.20 7.14 -14.95
CA GLY B 108 16.80 7.48 -14.99
C GLY B 108 16.00 6.81 -16.11
N LYS B 109 16.58 6.79 -17.30
CA LYS B 109 15.85 6.33 -18.47
C LYS B 109 15.51 4.84 -18.43
N TYR B 110 16.19 4.06 -17.61
CA TYR B 110 15.90 2.63 -17.57
C TYR B 110 14.95 2.23 -16.42
N LEU B 111 14.80 3.11 -15.44
CA LEU B 111 13.90 2.85 -14.31
C LEU B 111 12.45 2.85 -14.76
N ARG B 112 11.71 1.83 -14.34
CA ARG B 112 10.28 1.77 -14.60
C ARG B 112 9.51 1.80 -13.28
N LEU B 113 8.19 1.82 -13.38
CA LEU B 113 7.33 1.99 -12.19
C LEU B 113 7.62 1.03 -11.03
N PRO B 114 7.86 -0.27 -11.28
CA PRO B 114 8.16 -1.10 -10.11
C PRO B 114 9.36 -0.64 -9.26
N GLN B 115 10.42 -0.14 -9.89
CA GLN B 115 11.60 0.32 -9.16
C GLN B 115 11.33 1.62 -8.44
N LEU B 116 10.66 2.53 -9.13
CA LEU B 116 10.35 3.84 -8.57
C LEU B 116 9.40 3.75 -7.38
N VAL B 117 8.41 2.88 -7.49
CA VAL B 117 7.44 2.72 -6.40
C VAL B 117 8.16 2.09 -5.21
N ASP B 118 9.08 1.17 -5.48
CA ASP B 118 9.90 0.56 -4.42
C ASP B 118 10.76 1.59 -3.74
N MET B 119 11.38 2.48 -4.53
CA MET B 119 12.11 3.59 -3.94
C MET B 119 11.20 4.47 -3.05
N ALA B 120 10.02 4.80 -3.55
CA ALA B 120 9.09 5.61 -2.77
C ALA B 120 8.74 4.90 -1.47
N ALA B 121 8.52 3.58 -1.54
CA ALA B 121 8.16 2.80 -0.36
C ALA B 121 9.25 2.85 0.70
N GLN B 122 10.49 2.85 0.26
CA GLN B 122 11.63 2.94 1.17
C GLN B 122 11.67 4.28 1.88
N ILE B 123 11.50 5.34 1.10
CA ILE B 123 11.43 6.68 1.64
C ILE B 123 10.24 6.78 2.62
N ALA B 124 9.09 6.25 2.23
CA ALA B 124 7.92 6.28 3.12
C ALA B 124 8.20 5.54 4.42
N SER B 125 9.01 4.48 4.34
CA SER B 125 9.38 3.73 5.53
C SER B 125 10.28 4.57 6.44
N GLY B 126 11.23 5.29 5.88
CA GLY B 126 12.04 6.18 6.68
C GLY B 126 11.21 7.25 7.37
N MET B 127 10.28 7.84 6.62
CA MET B 127 9.46 8.92 7.14
C MET B 127 8.42 8.42 8.14
N ALA B 128 8.02 7.16 8.01
CA ALA B 128 7.07 6.61 8.95
C ALA B 128 7.73 6.50 10.31
N TYR B 129 9.04 6.23 10.28
CA TYR B 129 9.82 6.19 11.51
C TYR B 129 9.94 7.59 12.10
N VAL B 130 10.23 8.57 11.25
CA VAL B 130 10.30 9.97 11.69
C VAL B 130 8.96 10.37 12.31
N GLU B 131 7.88 9.92 11.69
CA GLU B 131 6.52 10.11 12.20
C GLU B 131 6.32 9.48 13.59
N ARG B 132 6.70 8.21 13.76
CA ARG B 132 6.56 7.53 15.08
C ARG B 132 7.37 8.21 16.17
N MET B 133 8.49 8.81 15.78
CA MET B 133 9.36 9.47 16.74
C MET B 133 8.93 10.90 17.00
N ASN B 134 7.85 11.33 16.35
CA ASN B 134 7.31 12.68 16.49
C ASN B 134 8.30 13.80 16.09
N TYR B 135 9.04 13.56 15.01
CA TYR B 135 9.87 14.63 14.43
C TYR B 135 9.28 15.10 13.11
N VAL B 136 9.87 16.16 12.54
CA VAL B 136 9.47 16.70 11.25
C VAL B 136 10.70 16.89 10.38
N HIS B 137 10.64 16.56 9.09
CA HIS B 137 11.83 16.72 8.25
C HIS B 137 12.01 18.15 7.77
N ARG B 138 10.95 18.68 7.16
CA ARG B 138 10.84 20.06 6.65
C ARG B 138 11.46 20.31 5.28
N ASP B 139 12.29 19.40 4.77
CA ASP B 139 12.88 19.61 3.44
C ASP B 139 12.97 18.32 2.66
N LEU B 140 11.86 17.58 2.64
CA LEU B 140 11.79 16.32 1.93
C LEU B 140 11.64 16.56 0.44
N ARG B 141 12.56 15.98 -0.34
CA ARG B 141 12.54 16.07 -1.80
C ARG B 141 13.66 15.21 -2.35
N ALA B 142 13.59 14.90 -3.64
CA ALA B 142 14.51 13.95 -4.24
C ALA B 142 15.98 14.38 -4.07
N ALA B 143 16.25 15.67 -4.03
CA ALA B 143 17.62 16.13 -3.81
C ALA B 143 18.15 15.79 -2.40
N ASN B 144 17.26 15.48 -1.48
CA ASN B 144 17.65 15.13 -0.11
C ASN B 144 17.44 13.67 0.21
N ILE B 145 17.29 12.87 -0.84
CA ILE B 145 17.31 11.43 -0.69
C ILE B 145 18.62 10.94 -1.29
N LEU B 146 19.28 10.01 -0.60
CA LEU B 146 20.54 9.46 -1.09
C LEU B 146 20.34 8.00 -1.48
N VAL B 147 21.09 7.57 -2.49
CA VAL B 147 20.97 6.24 -3.05
C VAL B 147 22.25 5.45 -2.83
N GLY B 148 22.11 4.18 -2.46
CA GLY B 148 23.26 3.32 -2.22
C GLY B 148 23.21 2.12 -3.15
N GLU B 149 23.96 1.08 -2.81
CA GLU B 149 23.95 -0.13 -3.61
C GLU B 149 22.58 -0.78 -3.60
N ASN B 150 22.25 -1.47 -4.68
CA ASN B 150 21.03 -2.24 -4.81
C ASN B 150 19.78 -1.35 -4.75
N LEU B 151 19.95 -0.09 -5.14
CA LEU B 151 18.86 0.91 -5.15
C LEU B 151 18.26 1.21 -3.77
N VAL B 152 19.03 0.98 -2.72
CA VAL B 152 18.60 1.43 -1.38
C VAL B 152 18.49 2.96 -1.38
N CYS B 153 17.38 3.49 -0.84
CA CYS B 153 17.18 4.93 -0.74
C CYS B 153 17.06 5.32 0.72
N LYS B 154 17.71 6.43 1.10
CA LYS B 154 17.72 6.87 2.49
C LYS B 154 17.49 8.34 2.59
N VAL B 155 16.70 8.72 3.58
CA VAL B 155 16.38 10.10 3.84
C VAL B 155 17.59 10.77 4.47
N ALA B 156 17.92 11.97 4.00
CA ALA B 156 19.08 12.69 4.50
C ALA B 156 18.79 14.17 4.67
N ASP B 157 19.76 14.92 5.20
CA ASP B 157 19.69 16.39 5.26
C ASP B 157 18.39 16.93 5.80
N PHE B 158 18.13 16.73 7.09
CA PHE B 158 16.94 17.31 7.72
C PHE B 158 16.99 18.84 7.72
N GLY B 159 15.85 19.47 7.44
CA GLY B 159 15.76 20.91 7.39
C GLY B 159 15.77 21.63 8.72
N PRO B 178 11.91 27.03 -1.48
CA PRO B 178 11.51 25.76 -2.06
C PRO B 178 10.00 25.58 -1.99
N ILE B 179 9.27 26.65 -2.32
CA ILE B 179 7.82 26.69 -2.26
C ILE B 179 7.19 25.51 -3.01
N LYS B 180 7.85 25.04 -4.07
CA LYS B 180 7.25 24.05 -4.93
C LYS B 180 7.12 22.70 -4.25
N TRP B 181 7.93 22.46 -3.23
CA TRP B 181 7.84 21.23 -2.42
C TRP B 181 7.15 21.44 -1.06
N THR B 182 6.84 22.69 -0.72
CA THR B 182 6.40 23.01 0.65
C THR B 182 4.90 23.17 0.73
N ALA B 183 4.27 22.53 1.72
CA ALA B 183 2.83 22.69 1.93
C ALA B 183 2.50 24.15 2.13
N PRO B 184 1.35 24.58 1.59
CA PRO B 184 0.98 25.99 1.68
C PRO B 184 0.90 26.49 3.14
N GLU B 185 0.42 25.69 4.08
CA GLU B 185 0.35 26.20 5.47
C GLU B 185 1.76 26.35 6.07
N ALA B 186 2.73 25.63 5.53
CA ALA B 186 4.09 25.72 6.05
C ALA B 186 4.79 26.93 5.45
N ALA B 187 4.65 27.09 4.14
CA ALA B 187 5.25 28.23 3.44
C ALA B 187 4.66 29.56 3.90
N LEU B 188 3.34 29.61 4.10
CA LEU B 188 2.70 30.89 4.45
C LEU B 188 2.82 31.23 5.93
N TYR B 189 2.54 30.26 6.81
CA TYR B 189 2.42 30.56 8.23
C TYR B 189 3.41 29.81 9.12
N GLY B 190 4.35 29.07 8.52
CA GLY B 190 5.37 28.41 9.30
C GLY B 190 4.87 27.19 10.06
N ARG B 191 3.73 26.64 9.64
CA ARG B 191 3.19 25.44 10.30
C ARG B 191 3.80 24.16 9.73
N PHE B 192 5.05 23.89 10.10
CA PHE B 192 5.74 22.70 9.64
C PHE B 192 5.39 21.52 10.55
N THR B 193 4.75 20.49 10.00
CA THR B 193 4.39 19.29 10.73
C THR B 193 4.65 18.06 9.89
N ILE B 194 4.41 16.86 10.43
CA ILE B 194 4.59 15.64 9.66
C ILE B 194 3.66 15.63 8.42
N LYS B 195 2.55 16.37 8.53
CA LYS B 195 1.59 16.50 7.45
C LYS B 195 2.11 17.38 6.32
N SER B 196 2.93 18.39 6.63
CA SER B 196 3.55 19.13 5.52
C SER B 196 4.64 18.28 4.88
N ASP B 197 5.29 17.40 5.65
CA ASP B 197 6.22 16.43 5.03
C ASP B 197 5.45 15.50 4.09
N VAL B 198 4.23 15.15 4.46
CA VAL B 198 3.41 14.29 3.60
C VAL B 198 3.11 15.01 2.29
N TRP B 199 2.86 16.31 2.36
CA TRP B 199 2.67 17.09 1.14
C TRP B 199 3.92 16.99 0.27
N SER B 200 5.08 17.19 0.89
CA SER B 200 6.32 17.13 0.16
C SER B 200 6.50 15.74 -0.46
N PHE B 201 6.09 14.70 0.28
CA PHE B 201 6.20 13.34 -0.24
C PHE B 201 5.40 13.19 -1.53
N GLY B 202 4.20 13.78 -1.58
CA GLY B 202 3.40 13.76 -2.80
C GLY B 202 4.14 14.42 -3.97
N ILE B 203 4.84 15.53 -3.71
CA ILE B 203 5.62 16.20 -4.75
C ILE B 203 6.79 15.32 -5.15
N LEU B 204 7.42 14.67 -4.18
CA LEU B 204 8.51 13.75 -4.45
C LEU B 204 8.04 12.61 -5.37
N LEU B 205 6.80 12.17 -5.23
CA LEU B 205 6.29 11.11 -6.12
C LEU B 205 6.23 11.58 -7.59
N THR B 206 6.00 12.87 -7.82
CA THR B 206 6.01 13.35 -9.19
C THR B 206 7.44 13.42 -9.71
N GLU B 207 8.40 13.74 -8.82
CA GLU B 207 9.80 13.68 -9.23
C GLU B 207 10.12 12.27 -9.68
N LEU B 208 9.66 11.28 -8.91
CA LEU B 208 9.94 9.88 -9.24
C LEU B 208 9.34 9.51 -10.60
N THR B 209 8.10 9.89 -10.83
CA THR B 209 7.41 9.41 -12.01
C THR B 209 7.68 10.26 -13.26
N THR B 210 8.39 11.37 -13.10
CA THR B 210 8.85 12.17 -14.24
C THR B 210 10.34 12.09 -14.47
N LYS B 211 11.03 11.17 -13.80
CA LYS B 211 12.47 11.06 -13.88
C LYS B 211 13.16 12.36 -13.46
N GLY B 212 12.64 12.99 -12.42
CA GLY B 212 13.32 14.13 -11.81
C GLY B 212 13.01 15.55 -12.29
N ARG B 213 11.99 15.71 -13.13
CA ARG B 213 11.65 17.05 -13.60
C ARG B 213 11.23 17.92 -12.43
N VAL B 214 11.52 19.20 -12.52
CA VAL B 214 11.01 20.16 -11.54
C VAL B 214 9.48 20.21 -11.61
N PRO B 215 8.80 20.17 -10.45
CA PRO B 215 7.34 20.27 -10.38
C PRO B 215 6.80 21.61 -10.91
N TYR B 216 5.50 21.68 -11.18
CA TYR B 216 4.87 22.89 -11.75
C TYR B 216 5.70 23.47 -12.89
N PRO B 217 5.95 22.68 -13.95
CA PRO B 217 6.83 23.16 -15.01
C PRO B 217 6.34 24.47 -15.57
N GLY B 218 7.23 25.43 -15.78
CA GLY B 218 6.85 26.72 -16.35
C GLY B 218 6.17 27.66 -15.39
N MET B 219 6.13 27.33 -14.11
CA MET B 219 5.53 28.25 -13.14
C MET B 219 6.59 28.83 -12.20
N VAL B 220 6.55 30.14 -12.01
CA VAL B 220 7.45 30.75 -11.04
C VAL B 220 6.85 30.58 -9.65
N ASN B 221 7.66 30.81 -8.62
CA ASN B 221 7.25 30.61 -7.23
C ASN B 221 5.94 31.24 -6.80
N ARG B 222 5.74 32.52 -7.08
CA ARG B 222 4.52 33.17 -6.63
C ARG B 222 3.31 32.63 -7.38
N GLU B 223 3.50 32.26 -8.64
CA GLU B 223 2.41 31.66 -9.40
C GLU B 223 2.04 30.32 -8.76
N VAL B 224 3.06 29.55 -8.36
CA VAL B 224 2.81 28.27 -7.71
C VAL B 224 1.94 28.49 -6.45
N LEU B 225 2.35 29.42 -5.61
CA LEU B 225 1.64 29.69 -4.36
C LEU B 225 0.22 30.17 -4.59
N ASP B 226 0.05 31.14 -5.49
CA ASP B 226 -1.28 31.64 -5.84
C ASP B 226 -2.17 30.54 -6.41
N GLN B 227 -1.63 29.72 -7.31
CA GLN B 227 -2.42 28.66 -7.92
C GLN B 227 -2.81 27.55 -6.96
N VAL B 228 -1.88 27.12 -6.12
CA VAL B 228 -2.16 26.02 -5.22
C VAL B 228 -3.24 26.46 -4.22
N GLU B 229 -3.17 27.72 -3.80
CA GLU B 229 -4.17 28.28 -2.89
C GLU B 229 -5.55 28.30 -3.53
N ARG B 230 -5.61 28.46 -4.84
CA ARG B 230 -6.89 28.41 -5.54
C ARG B 230 -7.32 26.99 -5.90
N GLY B 231 -6.55 25.98 -5.48
CA GLY B 231 -6.98 24.61 -5.64
C GLY B 231 -6.26 23.83 -6.74
N TYR B 232 -5.39 24.51 -7.48
CA TYR B 232 -4.62 23.86 -8.53
C TYR B 232 -3.70 22.78 -7.95
N ARG B 233 -3.66 21.63 -8.63
CA ARG B 233 -2.77 20.52 -8.34
C ARG B 233 -2.19 20.04 -9.66
N MET B 234 -0.95 19.53 -9.65
CA MET B 234 -0.36 18.93 -10.85
C MET B 234 -1.18 17.74 -11.34
N PRO B 235 -1.34 17.61 -12.66
CA PRO B 235 -2.11 16.48 -13.21
C PRO B 235 -1.30 15.16 -13.20
N CYS B 236 -1.95 14.07 -13.59
CA CYS B 236 -1.31 12.76 -13.71
C CYS B 236 -0.18 12.77 -14.75
N PRO B 237 1.06 12.49 -14.33
CA PRO B 237 2.20 12.37 -15.25
C PRO B 237 1.92 11.36 -16.37
N PRO B 238 2.49 11.58 -17.56
CA PRO B 238 2.28 10.60 -18.65
C PRO B 238 2.65 9.17 -18.20
N GLU B 239 1.79 8.19 -18.48
CA GLU B 239 1.99 6.76 -18.15
C GLU B 239 1.94 6.43 -16.65
N CYS B 240 1.71 7.41 -15.82
CA CYS B 240 1.54 7.11 -14.40
C CYS B 240 0.10 6.67 -14.15
N PRO B 241 -0.11 5.54 -13.46
CA PRO B 241 -1.49 5.09 -13.18
C PRO B 241 -2.29 6.10 -12.37
N GLU B 242 -3.58 6.22 -12.67
CA GLU B 242 -4.45 7.12 -11.94
C GLU B 242 -4.40 6.87 -10.43
N SER B 243 -4.32 5.60 -10.04
CA SER B 243 -4.31 5.21 -8.62
C SER B 243 -3.11 5.80 -7.91
N LEU B 244 -1.98 5.94 -8.63
CA LEU B 244 -0.81 6.56 -8.03
C LEU B 244 -1.00 8.08 -7.99
N HIS B 245 -1.62 8.66 -9.02
CA HIS B 245 -1.89 10.08 -8.97
C HIS B 245 -2.94 10.42 -7.90
N ASP B 246 -3.88 9.51 -7.67
CA ASP B 246 -4.86 9.70 -6.59
C ASP B 246 -4.15 9.76 -5.23
N LEU B 247 -3.09 8.98 -5.07
CA LEU B 247 -2.30 9.02 -3.83
C LEU B 247 -1.61 10.38 -3.65
N MET B 248 -1.06 10.92 -4.73
CA MET B 248 -0.49 12.27 -4.70
C MET B 248 -1.54 13.30 -4.24
N CYS B 249 -2.71 13.27 -4.87
CA CYS B 249 -3.79 14.21 -4.54
C CYS B 249 -4.22 14.14 -3.06
N GLN B 250 -4.21 12.94 -2.49
CA GLN B 250 -4.46 12.78 -1.05
C GLN B 250 -3.38 13.46 -0.23
N CYS B 251 -2.14 13.34 -0.69
CA CYS B 251 -1.02 14.03 -0.05
C CYS B 251 -1.14 15.54 -0.14
N TRP B 252 -1.91 16.05 -1.13
CA TRP B 252 -2.00 17.50 -1.37
C TRP B 252 -3.36 18.08 -0.97
N ARG B 253 -4.09 17.38 -0.11
CA ARG B 253 -5.34 17.94 0.42
C ARG B 253 -5.04 19.24 1.14
N LYS B 254 -5.93 20.23 0.99
CA LYS B 254 -5.75 21.52 1.60
C LYS B 254 -5.68 21.43 3.14
N ASP B 255 -6.57 20.62 3.71
CA ASP B 255 -6.59 20.42 5.15
C ASP B 255 -5.50 19.44 5.55
N PRO B 256 -4.47 19.90 6.29
CA PRO B 256 -3.34 19.01 6.58
C PRO B 256 -3.75 17.71 7.27
N GLU B 257 -4.78 17.78 8.12
CA GLU B 257 -5.22 16.60 8.87
C GLU B 257 -5.92 15.56 8.00
N GLU B 258 -6.26 15.94 6.77
CA GLU B 258 -6.91 15.00 5.85
C GLU B 258 -5.91 14.23 4.98
N ARG B 259 -4.65 14.63 5.03
CA ARG B 259 -3.59 13.97 4.29
C ARG B 259 -3.24 12.63 4.97
N PRO B 260 -2.81 11.63 4.18
CA PRO B 260 -2.51 10.30 4.75
C PRO B 260 -1.34 10.30 5.72
N THR B 261 -1.26 9.28 6.57
CA THR B 261 -0.07 9.11 7.38
C THR B 261 1.00 8.43 6.52
N PHE B 262 2.25 8.51 6.97
CA PHE B 262 3.34 7.79 6.31
C PHE B 262 3.21 6.28 6.54
N GLU B 263 2.62 5.91 7.67
CA GLU B 263 2.35 4.51 7.92
C GLU B 263 1.50 3.95 6.80
N TYR B 264 0.46 4.71 6.43
CA TYR B 264 -0.41 4.33 5.32
C TYR B 264 0.33 4.32 3.98
N LEU B 265 1.12 5.37 3.71
CA LEU B 265 1.83 5.50 2.44
C LEU B 265 2.82 4.35 2.29
N GLN B 266 3.50 3.99 3.37
CA GLN B 266 4.44 2.87 3.33
C GLN B 266 3.73 1.59 2.90
N ALA B 267 2.63 1.26 3.57
CA ALA B 267 1.89 0.01 3.32
C ALA B 267 1.28 0.02 1.91
N PHE B 268 0.72 1.15 1.54
CA PHE B 268 0.14 1.30 0.21
C PHE B 268 1.19 1.07 -0.88
N LEU B 269 2.37 1.63 -0.71
CA LEU B 269 3.37 1.52 -1.76
C LEU B 269 4.01 0.14 -1.74
N GLU B 270 4.23 -0.42 -0.55
CA GLU B 270 4.78 -1.78 -0.49
C GLU B 270 3.88 -2.81 -1.16
N ASP B 271 2.58 -2.63 -1.06
CA ASP B 271 1.62 -3.64 -1.54
C ASP B 271 1.10 -3.34 -2.95
N TYR B 272 1.62 -2.27 -3.54
CA TYR B 272 0.98 -1.61 -4.69
C TYR B 272 0.66 -2.50 -5.87
N PHE B 273 1.58 -3.37 -6.29
CA PHE B 273 1.34 -4.15 -7.51
C PHE B 273 0.54 -5.42 -7.24
N THR B 274 0.17 -5.68 -5.98
CA THR B 274 -0.75 -6.79 -5.71
C THR B 274 -2.15 -6.25 -5.43
N SER B 275 -2.23 -5.31 -4.50
CA SER B 275 -3.51 -4.80 -3.98
C SER B 275 -4.16 -3.68 -4.80
N THR B 276 -3.34 -2.88 -5.47
CA THR B 276 -3.84 -1.66 -6.08
C THR B 276 -3.77 -1.70 -7.61
N GLU B 277 -2.65 -2.17 -8.15
CA GLU B 277 -2.50 -2.24 -9.61
C GLU B 277 -2.04 -3.62 -10.04
N PRO B 278 -2.84 -4.67 -9.78
CA PRO B 278 -2.41 -6.03 -10.12
C PRO B 278 -2.29 -6.29 -11.62
N GLN B 279 -2.85 -5.40 -12.44
CA GLN B 279 -2.84 -5.58 -13.89
C GLN B 279 -1.84 -4.63 -14.57
N TYR B 280 -0.90 -4.07 -13.83
CA TYR B 280 0.12 -3.18 -14.40
C TYR B 280 0.90 -3.86 -15.53
N GLN B 281 1.08 -3.13 -16.63
CA GLN B 281 1.95 -3.57 -17.72
C GLN B 281 2.92 -2.46 -18.04
N PRO B 282 4.21 -2.79 -18.20
CA PRO B 282 5.22 -1.78 -18.52
C PRO B 282 4.88 -0.99 -19.79
N GLY B 283 5.29 0.27 -19.82
CA GLY B 283 5.10 1.13 -20.98
C GLY B 283 6.45 1.57 -21.50
N GLU B 284 6.46 2.61 -22.32
CA GLU B 284 7.71 3.11 -22.89
C GLU B 284 8.62 3.76 -21.84
N ASN B 285 8.02 4.44 -20.86
CA ASN B 285 8.79 5.17 -19.85
C ASN B 285 8.52 4.76 -18.40
N LEU B 286 7.35 4.19 -18.14
CA LEU B 286 7.00 3.75 -16.78
C LEU B 286 6.41 2.32 -16.79
C10 6G3 C . -20.53 -2.46 -5.84
C15 6G3 C . -18.87 -7.91 -8.39
C17 6G3 C . -20.12 -9.11 -10.09
C20 6G3 C . -20.85 -5.46 -10.51
C21 6G3 C . -21.74 -5.48 -11.61
C22 6G3 C . -22.10 -6.70 -12.20
C28 6G3 C . -20.46 -12.75 -13.76
C01 6G3 C . -15.88 -2.46 -8.88
C02 6G3 C . -16.24 -3.17 -7.62
C03 6G3 C . -15.88 -2.47 -6.34
C04 6G3 C . -17.57 -3.90 -7.67
N05 6G3 C . -17.71 -5.05 -8.36
C06 6G3 C . -18.98 -5.50 -8.23
C07 6G3 C . -19.68 -4.54 -7.43
N08 6G3 C . -18.80 -3.57 -7.09
C09 6G3 C . -19.21 -2.51 -6.29
N11 6G3 C . -21.41 -3.45 -6.18
C12 6G3 C . -21.03 -4.49 -6.95
N13 6G3 C . -21.98 -5.50 -7.29
C14 6G3 C . -19.39 -6.71 -8.86
C16 6G3 C . -19.24 -9.13 -9.00
C18 6G3 C . -20.66 -7.87 -10.59
C19 6G3 C . -20.30 -6.68 -10.01
C23 6G3 C . -21.56 -7.89 -11.71
N24 6G3 C . -20.54 -10.35 -10.73
C25 6G3 C . -20.12 -10.75 -12.03
O26 6G3 C . -19.36 -10.06 -12.68
N27 6G3 C . -20.68 -12.06 -12.49
C29 6G3 C . -21.05 -14.02 -13.92
C30 6G3 C . -20.87 -14.74 -15.11
C31 6G3 C . -20.12 -14.17 -16.14
C32 6G3 C . -19.56 -12.90 -15.97
C33 6G3 C . -19.72 -12.18 -14.78
C34 6G3 C . -18.76 -12.31 -17.09
F35 6G3 C . -18.40 -11.08 -16.73
F36 6G3 C . -19.51 -12.28 -18.17
F37 6G3 C . -17.68 -13.04 -17.31
C10 6G3 D . 27.46 10.32 -0.32
C15 6G3 D . 23.89 13.93 3.44
C17 6G3 D . 24.34 14.30 5.81
C20 6G3 D . 27.59 13.53 4.08
C21 6G3 D . 28.50 13.59 5.16
C22 6G3 D . 28.03 13.89 6.45
C28 6G3 D . 23.72 17.78 9.47
C01 6G3 D . 27.48 14.67 -2.23
C02 6G3 D . 26.19 14.68 -1.48
C03 6G3 D . 24.89 14.81 -2.24
C04 6G3 D . 26.13 13.84 -0.21
N05 6G3 D . 25.62 14.35 0.94
C06 6G3 D . 25.71 13.40 1.90
C07 6G3 D . 26.32 12.23 1.30
N08 6G3 D . 26.56 12.53 0.01
C09 6G3 D . 27.14 11.57 -0.82
N11 6G3 D . 27.21 10.01 0.99
C12 6G3 D . 26.65 10.95 1.82
N13 6G3 D . 26.39 10.61 3.19
C14 6G3 D . 25.25 13.68 3.22
C16 6G3 D . 23.43 14.24 4.73
C18 6G3 D . 25.75 14.07 5.59
C19 6G3 D . 26.20 13.77 4.31
C23 6G3 D . 26.68 14.15 6.67
N24 6G3 D . 23.80 14.64 7.14
C25 6G3 D . 24.02 15.97 7.62
O26 6G3 D . 24.66 16.72 6.89
N27 6G3 D . 23.51 16.42 8.96
C29 6G3 D . 23.72 18.05 10.86
C30 6G3 D . 23.91 19.37 11.31
C31 6G3 D . 24.10 20.41 10.39
C32 6G3 D . 24.10 20.15 9.00
C33 6G3 D . 23.90 18.82 8.57
C34 6G3 D . 24.30 21.23 7.98
F35 6G3 D . 24.61 20.68 6.81
F36 6G3 D . 25.27 22.05 8.35
F37 6G3 D . 23.17 21.92 7.82
#